data_3RZX
#
_entry.id   3RZX
#
_cell.length_a   78.518
_cell.length_b   89.996
_cell.length_c   100.142
_cell.angle_alpha   90.00
_cell.angle_beta   90.00
_cell.angle_gamma   90.00
#
_symmetry.space_group_name_H-M   'P 21 21 21'
#
loop_
_entity.id
_entity.type
_entity.pdbx_description
1 polymer 'Importin subunit alpha-2'
2 polymer 'Ku70 NLS peptide'
3 water water
#
loop_
_entity_poly.entity_id
_entity_poly.type
_entity_poly.pdbx_seq_one_letter_code
_entity_poly.pdbx_strand_id
1 'polypeptide(L)'
;MHHHHHHSSGLVPRGSGMKETAAAKFERQHMDSPDLGTDDDDKAMADIGSNQGTVNWSVEDIVKGINSNNLESQLQATQA
ARKLLSREKQPPIDNIIRAGLIPKFVSFLGKTDCSPIQFESAWALTNIASGTSEQTKAVVDGGAIPAFISLLASPHAHIS
EQAVWALGNIAGDGSAFRDLVIKHGAIDPLLALLAVPDLSTLACGYLRNLTWTLSNLCRNKNPAPPLDAVEQILPTLVRL
LHHNDPEVLADSCWAISYLTDGPNERIEMVVKKGVVPQLVKLLGATELPIVTPALRAIGNIVTGTDEQTQKVIDAGALAV
FPSLLTNPKTNIQKEATWTMSNITAGRQDQIQQVVNHGLVPFLVGVLSKADFKTQKEAAWAITNYTSGGTVEQIVYLVHC
GIIEPLMNLLSAKDTKIIQVILDAISNIFQAAEKLGETEKLSIMIEECGGLDKIEALQRHENESVYKASLNLIEKYFSVE
EEEDQNVVPETTSEGFAFQVQDGAPGTFNF
;
A
2 'polypeptide(L)' EGKVTKRKHDNEGSGSKRPKVE B
#
# COMPACT_ATOMS: atom_id res chain seq x y z
N GLN A 52 17.27 32.09 20.64
CA GLN A 52 16.46 31.98 21.90
C GLN A 52 17.25 31.41 23.13
N GLY A 53 16.73 31.64 24.34
CA GLY A 53 17.29 31.03 25.54
C GLY A 53 16.90 29.56 25.80
N THR A 54 16.24 28.93 24.81
CA THR A 54 15.83 27.49 24.85
C THR A 54 16.53 26.58 23.79
N VAL A 55 17.60 27.10 23.15
CA VAL A 55 18.49 26.33 22.23
C VAL A 55 19.62 25.44 22.88
N ASN A 56 19.67 24.16 22.51
CA ASN A 56 20.75 23.28 22.93
C ASN A 56 20.90 23.19 24.48
N TRP A 57 19.81 23.04 25.24
CA TRP A 57 19.92 22.73 26.70
C TRP A 57 20.30 21.28 26.92
N SER A 58 20.75 20.99 28.13
CA SER A 58 21.08 19.65 28.55
C SER A 58 19.82 18.99 29.15
N VAL A 59 19.78 17.69 29.09
CA VAL A 59 18.70 17.01 29.75
C VAL A 59 18.59 17.39 31.20
N GLU A 60 19.68 17.72 31.88
CA GLU A 60 19.49 17.88 33.34
C GLU A 60 18.91 19.20 33.60
N ASP A 61 19.22 20.14 32.72
CA ASP A 61 18.53 21.43 32.75
C ASP A 61 17.03 21.26 32.55
N ILE A 62 16.65 20.51 31.51
CA ILE A 62 15.26 20.33 31.25
C ILE A 62 14.61 19.74 32.47
N VAL A 63 15.26 18.74 33.06
CA VAL A 63 14.67 18.15 34.29
C VAL A 63 14.51 19.20 35.36
N LYS A 64 15.53 20.05 35.43
CA LYS A 64 15.55 20.94 36.54
C LYS A 64 14.35 21.90 36.45
N GLY A 65 14.12 22.47 35.25
CA GLY A 65 13.00 23.33 35.02
C GLY A 65 11.65 22.65 35.09
N ILE A 66 11.60 21.40 34.58
CA ILE A 66 10.35 20.72 34.68
C ILE A 66 9.93 20.36 36.09
N ASN A 67 10.88 20.21 36.99
CA ASN A 67 10.59 20.01 38.41
C ASN A 67 10.55 21.25 39.30
N SER A 68 10.75 22.45 38.74
CA SER A 68 10.54 23.68 39.52
C SER A 68 9.07 23.70 39.74
N ASN A 69 8.54 24.36 40.73
CA ASN A 69 7.07 24.35 40.61
C ASN A 69 6.57 25.68 40.07
N ASN A 70 7.07 26.05 38.92
CA ASN A 70 6.85 27.34 38.43
C ASN A 70 6.38 27.08 37.02
N LEU A 71 5.09 27.29 36.79
CA LEU A 71 4.50 27.01 35.47
C LEU A 71 5.23 27.61 34.32
N GLU A 72 5.69 28.84 34.43
CA GLU A 72 6.58 29.36 33.41
C GLU A 72 7.94 28.71 33.28
N SER A 73 8.58 28.27 34.36
CA SER A 73 9.85 27.59 34.13
C SER A 73 9.60 26.24 33.45
N GLN A 74 8.50 25.61 33.86
CA GLN A 74 8.10 24.40 33.20
C GLN A 74 7.92 24.56 31.70
N LEU A 75 7.22 25.63 31.33
CA LEU A 75 7.11 25.98 29.95
C LEU A 75 8.41 26.19 29.22
N GLN A 76 9.31 27.02 29.75
CA GLN A 76 10.65 27.19 29.17
C GLN A 76 11.27 25.77 29.00
N ALA A 77 11.21 24.92 30.02
CA ALA A 77 12.02 23.69 29.88
C ALA A 77 11.36 22.71 28.88
N THR A 78 10.02 22.71 28.84
CA THR A 78 9.33 21.91 27.85
C THR A 78 9.63 22.38 26.41
N GLN A 79 9.64 23.68 26.20
CA GLN A 79 10.05 24.16 24.92
C GLN A 79 11.47 23.79 24.63
N ALA A 80 12.34 23.81 25.62
CA ALA A 80 13.71 23.36 25.32
C ALA A 80 13.75 21.88 24.90
N ALA A 81 12.97 21.06 25.58
CA ALA A 81 12.90 19.59 25.25
C ALA A 81 12.36 19.45 23.84
N ARG A 82 11.29 20.16 23.55
CA ARG A 82 10.80 20.06 22.24
C ARG A 82 11.86 20.37 21.15
N LYS A 83 12.67 21.38 21.35
CA LYS A 83 13.68 21.75 20.36
C LYS A 83 14.79 20.76 20.29
N LEU A 84 15.24 20.22 21.41
CA LEU A 84 16.07 19.00 21.39
C LEU A 84 15.54 17.89 20.50
N LEU A 85 14.23 17.66 20.64
CA LEU A 85 13.64 16.51 20.00
C LEU A 85 13.33 16.78 18.59
N SER A 86 13.50 18.01 18.14
CA SER A 86 13.23 18.34 16.73
C SER A 86 14.47 18.47 15.90
N ARG A 87 15.63 18.17 16.45
CA ARG A 87 16.89 18.37 15.69
C ARG A 87 17.31 17.16 14.79
N GLU A 88 17.88 17.49 13.62
CA GLU A 88 18.10 16.57 12.48
C GLU A 88 18.83 15.29 12.91
N LYS A 89 19.98 15.44 13.57
CA LYS A 89 20.79 14.28 13.94
C LYS A 89 20.48 13.82 15.36
N GLN A 90 19.76 12.70 15.47
CA GLN A 90 19.86 11.77 16.59
C GLN A 90 19.44 12.40 17.94
N PRO A 91 18.15 12.75 18.07
CA PRO A 91 17.62 13.39 19.30
C PRO A 91 17.61 12.44 20.45
N PRO A 92 17.87 12.93 21.65
CA PRO A 92 18.13 12.02 22.75
C PRO A 92 16.82 11.49 23.35
N ILE A 93 16.05 10.82 22.50
CA ILE A 93 14.85 10.20 22.96
C ILE A 93 14.99 9.37 24.25
N ASP A 94 16.01 8.51 24.31
CA ASP A 94 16.05 7.58 25.47
C ASP A 94 16.32 8.27 26.77
N ASN A 95 17.11 9.32 26.70
CA ASN A 95 17.44 10.06 27.90
C ASN A 95 16.25 10.78 28.43
N ILE A 96 15.50 11.37 27.50
CA ILE A 96 14.30 11.98 27.90
C ILE A 96 13.41 10.93 28.53
N ILE A 97 13.32 9.78 27.89
CA ILE A 97 12.48 8.78 28.52
C ILE A 97 13.03 8.40 29.90
N ARG A 98 14.36 8.13 30.01
CA ARG A 98 14.95 7.66 31.31
C ARG A 98 14.85 8.65 32.41
N ALA A 99 14.95 9.94 32.08
CA ALA A 99 14.76 11.05 33.00
C ALA A 99 13.37 11.09 33.64
N GLY A 100 12.43 10.26 33.17
CA GLY A 100 11.06 10.32 33.76
C GLY A 100 10.19 11.47 33.23
N LEU A 101 10.59 12.16 32.14
CA LEU A 101 9.79 13.21 31.49
C LEU A 101 8.38 12.93 30.96
N ILE A 102 8.09 11.68 30.54
CA ILE A 102 6.82 11.45 29.87
C ILE A 102 5.57 11.74 30.71
N PRO A 103 5.48 11.18 31.92
CA PRO A 103 4.28 11.52 32.75
C PRO A 103 4.11 13.05 32.91
N LYS A 104 5.23 13.74 32.96
CA LYS A 104 5.13 15.18 33.16
C LYS A 104 4.51 15.84 31.94
N PHE A 105 5.06 15.52 30.75
CA PHE A 105 4.58 16.05 29.48
C PHE A 105 3.18 15.70 29.33
N VAL A 106 2.88 14.43 29.62
CA VAL A 106 1.49 14.02 29.46
C VAL A 106 0.59 14.90 30.32
N SER A 107 0.97 15.21 31.55
CA SER A 107 0.03 15.97 32.33
C SER A 107 0.00 17.43 31.96
N PHE A 108 1.02 17.92 31.26
CA PHE A 108 0.86 19.27 30.65
C PHE A 108 -0.18 19.33 29.55
N LEU A 109 -0.38 18.22 28.82
CA LEU A 109 -1.51 18.14 27.86
C LEU A 109 -2.82 18.64 28.46
N GLY A 110 -3.03 18.44 29.77
CA GLY A 110 -4.33 18.75 30.36
C GLY A 110 -4.42 20.18 30.90
N LYS A 111 -3.43 21.05 30.67
CA LYS A 111 -3.51 22.38 31.26
C LYS A 111 -4.16 23.39 30.35
N THR A 112 -5.48 23.42 30.35
CA THR A 112 -6.24 24.25 29.41
C THR A 112 -5.95 25.71 29.59
N ASP A 113 -5.73 26.05 30.85
CA ASP A 113 -5.37 27.38 31.29
C ASP A 113 -4.06 27.84 30.60
N CYS A 114 -3.22 26.91 30.17
CA CYS A 114 -1.89 27.25 29.64
C CYS A 114 -1.52 26.61 28.26
N SER A 115 -2.23 27.10 27.26
CA SER A 115 -2.15 26.52 25.95
C SER A 115 -0.71 26.38 25.38
N PRO A 116 0.18 27.38 25.59
CA PRO A 116 1.49 27.11 24.95
C PRO A 116 2.12 25.85 25.53
N ILE A 117 1.84 25.49 26.78
CA ILE A 117 2.55 24.33 27.26
C ILE A 117 1.87 23.05 26.75
N GLN A 118 0.56 23.10 26.55
CA GLN A 118 -0.17 22.08 25.88
C GLN A 118 0.54 21.75 24.58
N PHE A 119 0.81 22.79 23.80
CA PHE A 119 1.37 22.64 22.48
C PHE A 119 2.80 22.09 22.52
N GLU A 120 3.70 22.68 23.30
CA GLU A 120 5.07 22.17 23.32
C GLU A 120 5.07 20.70 23.84
N SER A 121 4.23 20.38 24.82
CA SER A 121 4.29 19.02 25.30
C SER A 121 3.77 18.05 24.22
N ALA A 122 2.70 18.46 23.53
CA ALA A 122 2.14 17.74 22.41
C ALA A 122 3.25 17.42 21.43
N TRP A 123 3.98 18.45 21.06
CA TRP A 123 4.94 18.28 19.99
C TRP A 123 6.02 17.36 20.48
N ALA A 124 6.48 17.57 21.70
CA ALA A 124 7.61 16.74 22.19
C ALA A 124 7.12 15.29 22.23
N LEU A 125 5.88 15.10 22.71
CA LEU A 125 5.44 13.75 22.86
C LEU A 125 5.29 13.15 21.47
N THR A 126 4.88 13.97 20.50
CA THR A 126 4.73 13.53 19.14
C THR A 126 6.02 12.89 18.71
N ASN A 127 7.12 13.56 19.03
CA ASN A 127 8.40 13.22 18.37
C ASN A 127 9.00 12.04 19.08
N ILE A 128 8.80 11.96 20.39
CA ILE A 128 9.07 10.70 21.06
C ILE A 128 8.22 9.59 20.48
N ALA A 129 6.91 9.78 20.32
CA ALA A 129 6.10 8.69 19.77
C ALA A 129 6.51 8.32 18.31
N SER A 130 7.31 9.18 17.66
CA SER A 130 7.74 8.87 16.29
C SER A 130 8.88 7.88 16.23
N GLY A 131 9.39 7.41 17.38
CA GLY A 131 10.58 6.55 17.39
C GLY A 131 10.32 5.05 17.16
N THR A 132 11.14 4.19 17.78
CA THR A 132 10.89 2.75 17.81
C THR A 132 9.56 2.43 18.53
N SER A 133 9.12 1.19 18.47
CA SER A 133 7.96 0.76 19.25
C SER A 133 8.16 0.95 20.69
N GLU A 134 9.33 0.63 21.10
CA GLU A 134 9.59 0.77 22.49
C GLU A 134 9.36 2.23 22.97
N GLN A 135 9.73 3.21 22.17
CA GLN A 135 9.58 4.57 22.54
C GLN A 135 8.08 4.99 22.45
N THR A 136 7.40 4.51 21.42
CA THR A 136 5.99 4.76 21.40
C THR A 136 5.23 4.12 22.58
N LYS A 137 5.59 2.89 23.04
CA LYS A 137 4.95 2.24 24.18
C LYS A 137 5.16 3.26 25.33
N ALA A 138 6.34 3.91 25.44
CA ALA A 138 6.54 4.72 26.70
C ALA A 138 5.48 5.82 26.73
N VAL A 139 5.19 6.37 25.55
CA VAL A 139 4.28 7.47 25.46
C VAL A 139 2.90 6.95 25.75
N VAL A 140 2.53 5.83 25.15
CA VAL A 140 1.23 5.27 25.45
C VAL A 140 1.07 4.94 26.92
N ASP A 141 2.06 4.27 27.47
CA ASP A 141 2.10 3.93 28.93
C ASP A 141 1.99 5.11 29.88
N GLY A 142 2.28 6.35 29.46
CA GLY A 142 2.10 7.55 30.30
C GLY A 142 0.66 8.06 30.31
N GLY A 143 -0.25 7.33 29.65
CA GLY A 143 -1.62 7.80 29.50
C GLY A 143 -1.88 8.80 28.41
N ALA A 144 -1.05 8.87 27.37
CA ALA A 144 -1.13 9.99 26.44
C ALA A 144 -2.35 9.88 25.55
N ILE A 145 -2.87 8.67 25.35
CA ILE A 145 -3.96 8.54 24.39
C ILE A 145 -5.24 9.33 24.81
N PRO A 146 -5.79 9.06 26.00
CA PRO A 146 -7.03 9.83 26.26
C PRO A 146 -6.68 11.31 26.29
N ALA A 147 -5.47 11.63 26.72
CA ALA A 147 -5.18 13.07 26.85
C ALA A 147 -5.08 13.74 25.46
N PHE A 148 -4.52 13.03 24.50
CA PHE A 148 -4.56 13.47 23.12
C PHE A 148 -5.97 13.52 22.55
N ILE A 149 -6.80 12.57 22.94
CA ILE A 149 -8.11 12.58 22.35
C ILE A 149 -8.84 13.83 22.80
N SER A 150 -8.60 14.28 24.04
CA SER A 150 -9.19 15.52 24.58
C SER A 150 -8.71 16.74 23.86
N LEU A 151 -7.43 16.81 23.58
CA LEU A 151 -6.95 17.94 22.78
C LEU A 151 -7.58 18.03 21.39
N LEU A 152 -8.17 16.95 20.85
CA LEU A 152 -8.83 17.10 19.56
C LEU A 152 -9.84 18.20 19.64
N ALA A 153 -10.45 18.38 20.82
CA ALA A 153 -11.45 19.48 20.96
C ALA A 153 -10.84 20.88 21.17
N SER A 154 -9.53 21.00 21.28
CA SER A 154 -9.01 22.29 21.53
C SER A 154 -9.57 23.38 20.59
N PRO A 155 -9.86 24.54 21.16
CA PRO A 155 -10.20 25.73 20.32
C PRO A 155 -9.01 26.23 19.51
N HIS A 156 -7.78 25.81 19.82
CA HIS A 156 -6.58 26.24 19.01
C HIS A 156 -6.18 25.24 17.93
N ALA A 157 -6.23 25.67 16.69
CA ALA A 157 -6.13 24.72 15.63
C ALA A 157 -4.72 24.10 15.69
N HIS A 158 -3.71 24.88 16.12
CA HIS A 158 -2.35 24.35 16.04
C HIS A 158 -2.16 23.27 17.10
N ILE A 159 -2.97 23.32 18.17
CA ILE A 159 -2.85 22.30 19.19
C ILE A 159 -3.61 21.04 18.78
N SER A 160 -4.83 21.23 18.28
CA SER A 160 -5.60 20.07 17.88
C SER A 160 -4.91 19.34 16.72
N GLU A 161 -4.29 20.13 15.82
CA GLU A 161 -3.53 19.52 14.78
C GLU A 161 -2.35 18.66 15.37
N GLN A 162 -1.68 19.18 16.39
CA GLN A 162 -0.58 18.40 16.94
C GLN A 162 -1.12 17.13 17.59
N ALA A 163 -2.33 17.14 18.11
CA ALA A 163 -2.82 15.95 18.72
C ALA A 163 -3.18 14.97 17.64
N VAL A 164 -3.69 15.45 16.52
CA VAL A 164 -4.10 14.52 15.45
C VAL A 164 -2.83 13.78 15.03
N TRP A 165 -1.79 14.59 14.96
CA TRP A 165 -0.51 14.08 14.49
C TRP A 165 0.10 13.03 15.44
N ALA A 166 0.08 13.34 16.75
CA ALA A 166 0.57 12.37 17.70
C ALA A 166 -0.18 11.05 17.63
N LEU A 167 -1.52 11.10 17.47
CA LEU A 167 -2.33 9.89 17.43
C LEU A 167 -2.01 9.06 16.16
N GLY A 168 -1.79 9.74 15.04
CA GLY A 168 -1.18 9.12 13.88
C GLY A 168 0.02 8.31 14.26
N ASN A 169 0.96 8.88 15.05
CA ASN A 169 2.23 8.14 15.26
C ASN A 169 1.95 6.94 16.12
N ILE A 170 1.07 7.09 17.09
CA ILE A 170 0.67 5.94 17.88
C ILE A 170 -0.06 4.87 17.07
N ALA A 171 -1.04 5.25 16.26
CA ALA A 171 -1.81 4.23 15.62
C ALA A 171 -0.88 3.59 14.63
N GLY A 172 0.10 4.35 14.13
CA GLY A 172 0.94 3.84 13.04
C GLY A 172 1.91 2.76 13.56
N ASP A 173 2.07 2.62 14.86
CA ASP A 173 2.94 1.57 15.35
C ASP A 173 2.43 0.18 14.98
N GLY A 174 1.15 -0.05 14.74
CA GLY A 174 0.75 -1.47 14.78
C GLY A 174 -0.67 -1.61 15.19
N SER A 175 -1.22 -2.78 14.94
CA SER A 175 -2.64 -2.95 15.04
C SER A 175 -3.11 -2.89 16.51
N ALA A 176 -2.23 -3.29 17.42
CA ALA A 176 -2.54 -3.21 18.84
C ALA A 176 -2.81 -1.78 19.24
N PHE A 177 -1.84 -0.88 18.98
CA PHE A 177 -2.00 0.54 19.36
C PHE A 177 -3.14 1.21 18.56
N ARG A 178 -3.30 0.79 17.30
CA ARG A 178 -4.30 1.36 16.39
C ARG A 178 -5.66 1.05 17.02
N ASP A 179 -5.81 -0.18 17.50
CA ASP A 179 -7.11 -0.66 17.97
C ASP A 179 -7.29 -0.05 19.29
N LEU A 180 -6.19 0.32 19.94
CA LEU A 180 -6.37 0.98 21.21
C LEU A 180 -6.71 2.44 21.07
N VAL A 181 -6.19 3.09 20.05
CA VAL A 181 -6.63 4.47 19.80
C VAL A 181 -8.13 4.49 19.52
N ILE A 182 -8.57 3.60 18.63
CA ILE A 182 -9.97 3.36 18.42
C ILE A 182 -10.82 3.09 19.67
N LYS A 183 -10.37 2.21 20.56
CA LYS A 183 -11.17 2.00 21.76
C LYS A 183 -11.33 3.25 22.69
N HIS A 184 -10.35 4.13 22.69
CA HIS A 184 -10.46 5.28 23.58
C HIS A 184 -11.37 6.34 22.89
N GLY A 185 -12.01 6.06 21.77
CA GLY A 185 -12.94 7.06 21.17
C GLY A 185 -12.38 8.01 20.11
N ALA A 186 -11.26 7.73 19.48
CA ALA A 186 -10.69 8.80 18.68
C ALA A 186 -11.49 9.13 17.43
N ILE A 187 -12.26 8.18 16.92
CA ILE A 187 -12.74 8.36 15.56
C ILE A 187 -13.78 9.47 15.42
N ASP A 188 -14.73 9.55 16.35
CA ASP A 188 -15.76 10.60 16.26
C ASP A 188 -15.08 11.94 16.21
N PRO A 189 -14.30 12.28 17.24
CA PRO A 189 -13.75 13.65 17.19
C PRO A 189 -12.82 13.91 16.01
N LEU A 190 -12.07 12.91 15.56
CA LEU A 190 -11.35 13.09 14.30
C LEU A 190 -12.33 13.43 13.21
N LEU A 191 -13.38 12.63 13.03
CA LEU A 191 -14.31 12.85 11.90
C LEU A 191 -15.00 14.18 12.03
N ALA A 192 -15.29 14.57 13.23
CA ALA A 192 -15.89 15.89 13.46
C ALA A 192 -15.00 17.01 12.97
N LEU A 193 -13.70 16.84 12.97
CA LEU A 193 -12.85 17.90 12.48
C LEU A 193 -13.02 18.16 11.02
N LEU A 194 -13.50 17.16 10.26
CA LEU A 194 -13.64 17.27 8.82
C LEU A 194 -15.10 17.54 8.44
N ALA A 195 -15.95 17.89 9.42
CA ALA A 195 -17.37 17.99 9.11
C ALA A 195 -17.59 19.46 8.74
N VAL A 196 -17.06 19.83 7.59
CA VAL A 196 -17.36 21.11 7.01
C VAL A 196 -17.95 20.97 5.63
N PRO A 197 -18.69 22.00 5.21
CA PRO A 197 -19.38 21.92 3.92
C PRO A 197 -18.34 21.83 2.82
N ASP A 198 -17.17 22.43 2.99
CA ASP A 198 -16.16 22.38 1.92
C ASP A 198 -14.74 22.26 2.44
N LEU A 199 -14.12 21.12 2.20
CA LEU A 199 -12.76 20.87 2.72
C LEU A 199 -11.78 21.97 2.32
N SER A 200 -12.04 22.67 1.23
CA SER A 200 -11.09 23.71 0.85
C SER A 200 -10.86 24.79 1.86
N THR A 201 -11.80 24.99 2.80
CA THR A 201 -11.62 26.02 3.74
C THR A 201 -10.68 25.67 4.86
N LEU A 202 -10.17 24.44 4.93
CA LEU A 202 -9.35 24.08 6.05
C LEU A 202 -7.95 24.31 5.60
N ALA A 203 -7.05 24.62 6.51
CA ALA A 203 -5.63 24.87 6.13
C ALA A 203 -5.11 23.59 5.59
N CYS A 204 -4.21 23.66 4.66
CA CYS A 204 -4.04 22.44 4.06
C CYS A 204 -3.06 21.51 4.75
N GLY A 205 -2.12 22.05 5.53
CA GLY A 205 -1.27 21.27 6.47
C GLY A 205 -2.14 20.48 7.43
N TYR A 206 -3.13 21.15 7.97
CA TYR A 206 -4.12 20.59 8.83
C TYR A 206 -4.85 19.40 8.20
N LEU A 207 -5.35 19.59 7.00
CA LEU A 207 -6.09 18.56 6.29
C LEU A 207 -5.14 17.41 5.93
N ARG A 208 -3.90 17.72 5.58
CA ARG A 208 -2.97 16.60 5.28
C ARG A 208 -2.66 15.77 6.49
N ASN A 209 -2.55 16.41 7.64
CA ASN A 209 -2.41 15.63 8.84
C ASN A 209 -3.55 14.70 9.15
N LEU A 210 -4.79 15.21 9.12
CA LEU A 210 -5.94 14.39 9.50
C LEU A 210 -5.99 13.27 8.53
N THR A 211 -5.93 13.59 7.25
CA THR A 211 -5.92 12.46 6.29
C THR A 211 -4.84 11.40 6.63
N TRP A 212 -3.61 11.82 6.86
CA TRP A 212 -2.62 10.82 7.14
C TRP A 212 -2.99 10.03 8.40
N THR A 213 -3.47 10.72 9.42
CA THR A 213 -3.84 9.99 10.59
C THR A 213 -4.94 8.97 10.33
N LEU A 214 -5.99 9.41 9.62
CA LEU A 214 -7.09 8.53 9.32
C LEU A 214 -6.58 7.35 8.58
N SER A 215 -5.61 7.59 7.71
CA SER A 215 -5.22 6.46 6.93
C SER A 215 -4.44 5.47 7.78
N ASN A 216 -3.70 5.94 8.80
CA ASN A 216 -3.10 4.96 9.74
C ASN A 216 -4.15 4.20 10.55
N LEU A 217 -5.34 4.79 10.76
CA LEU A 217 -6.34 3.97 11.46
C LEU A 217 -6.87 2.92 10.54
N CYS A 218 -6.61 3.04 9.24
CA CYS A 218 -7.03 2.00 8.34
C CYS A 218 -5.99 0.90 8.11
N ARG A 219 -4.80 1.08 8.69
CA ARG A 219 -3.62 0.39 8.19
C ARG A 219 -3.39 -0.77 9.06
N ASN A 220 -2.61 -1.71 8.51
CA ASN A 220 -2.03 -2.88 9.17
C ASN A 220 -3.03 -4.00 9.25
N LYS A 221 -2.61 -5.17 9.71
CA LYS A 221 -3.33 -6.35 9.28
C LYS A 221 -3.50 -7.53 10.24
N ASN A 222 -2.73 -7.68 11.29
CA ASN A 222 -3.20 -8.85 12.07
C ASN A 222 -3.62 -8.51 13.44
N PRO A 223 -4.88 -8.13 13.61
CA PRO A 223 -5.95 -8.25 12.63
C PRO A 223 -6.16 -6.92 11.87
N ALA A 224 -7.04 -6.96 10.88
CA ALA A 224 -7.47 -5.77 10.17
C ALA A 224 -8.27 -4.91 11.18
N PRO A 225 -8.49 -3.63 10.85
CA PRO A 225 -9.19 -2.72 11.78
C PRO A 225 -10.63 -3.18 11.91
N PRO A 226 -11.29 -2.83 13.02
CA PRO A 226 -12.66 -3.37 13.26
C PRO A 226 -13.67 -2.96 12.21
N LEU A 227 -14.51 -3.89 11.73
CA LEU A 227 -15.51 -3.53 10.75
C LEU A 227 -16.24 -2.23 10.99
N ASP A 228 -16.65 -1.99 12.22
CA ASP A 228 -17.57 -0.85 12.50
C ASP A 228 -16.81 0.45 12.39
N ALA A 229 -15.53 0.43 12.80
CA ALA A 229 -14.61 1.55 12.62
C ALA A 229 -14.41 1.87 11.12
N VAL A 230 -14.06 0.86 10.34
CA VAL A 230 -14.12 0.96 8.90
C VAL A 230 -15.44 1.57 8.35
N GLU A 231 -16.61 1.07 8.72
CA GLU A 231 -17.85 1.66 8.17
C GLU A 231 -17.87 3.11 8.55
N GLN A 232 -17.36 3.40 9.73
CA GLN A 232 -17.52 4.75 10.24
C GLN A 232 -16.62 5.75 9.44
N ILE A 233 -15.40 5.32 9.10
CA ILE A 233 -14.44 6.14 8.50
C ILE A 233 -14.76 6.31 7.01
N LEU A 234 -15.28 5.26 6.41
CA LEU A 234 -15.38 5.22 4.93
C LEU A 234 -15.96 6.43 4.17
N PRO A 235 -17.16 6.89 4.58
CA PRO A 235 -17.77 8.09 3.90
C PRO A 235 -16.79 9.23 3.86
N THR A 236 -16.00 9.41 4.92
CA THR A 236 -15.05 10.49 4.94
C THR A 236 -13.89 10.15 3.97
N LEU A 237 -13.40 8.92 3.97
CA LEU A 237 -12.43 8.58 2.92
C LEU A 237 -13.00 8.96 1.57
N VAL A 238 -14.25 8.58 1.34
CA VAL A 238 -14.75 8.75 0.00
C VAL A 238 -14.64 10.26 -0.33
N ARG A 239 -15.00 11.12 0.61
CA ARG A 239 -14.93 12.54 0.34
C ARG A 239 -13.50 13.07 0.15
N LEU A 240 -12.55 12.67 0.98
CA LEU A 240 -11.18 13.14 0.81
C LEU A 240 -10.64 12.64 -0.53
N LEU A 241 -11.18 11.52 -1.02
CA LEU A 241 -10.63 10.95 -2.25
C LEU A 241 -10.99 11.81 -3.45
N HIS A 242 -11.99 12.73 -3.30
CA HIS A 242 -12.32 13.73 -4.32
C HIS A 242 -11.70 15.12 -4.07
N HIS A 243 -10.92 15.28 -3.04
CA HIS A 243 -10.40 16.60 -2.79
C HIS A 243 -9.25 16.80 -3.77
N ASN A 244 -8.71 18.00 -3.95
CA ASN A 244 -7.81 18.26 -5.11
C ASN A 244 -6.33 18.44 -4.63
N ASP A 245 -6.05 18.41 -3.35
CA ASP A 245 -4.64 18.37 -2.93
C ASP A 245 -3.93 17.05 -3.23
N PRO A 246 -2.85 17.07 -3.98
CA PRO A 246 -2.19 15.76 -4.26
C PRO A 246 -1.85 14.92 -3.02
N GLU A 247 -1.43 15.56 -1.94
CA GLU A 247 -1.06 14.76 -0.78
C GLU A 247 -2.25 14.14 -0.08
N VAL A 248 -3.36 14.86 0.00
CA VAL A 248 -4.59 14.31 0.53
C VAL A 248 -4.98 13.12 -0.34
N LEU A 249 -4.80 13.26 -1.64
CA LEU A 249 -5.22 12.19 -2.56
C LEU A 249 -4.35 10.94 -2.44
N ALA A 250 -3.05 11.12 -2.48
CA ALA A 250 -2.16 9.99 -2.17
C ALA A 250 -2.54 9.25 -0.86
N ASP A 251 -2.76 10.00 0.21
CA ASP A 251 -3.04 9.37 1.49
C ASP A 251 -4.42 8.67 1.60
N SER A 252 -5.46 9.26 1.00
CA SER A 252 -6.71 8.64 0.81
C SER A 252 -6.57 7.31 0.02
N CYS A 253 -5.77 7.30 -1.05
CA CYS A 253 -5.72 6.10 -1.86
C CYS A 253 -5.02 5.10 -1.03
N TRP A 254 -4.04 5.54 -0.23
CA TRP A 254 -3.32 4.57 0.57
C TRP A 254 -4.32 3.92 1.54
N ALA A 255 -5.20 4.73 2.15
CA ALA A 255 -6.17 4.16 3.11
C ALA A 255 -6.97 3.12 2.38
N ILE A 256 -7.41 3.47 1.19
CA ILE A 256 -8.32 2.58 0.49
C ILE A 256 -7.50 1.32 0.10
N SER A 257 -6.24 1.50 -0.24
CA SER A 257 -5.54 0.25 -0.44
C SER A 257 -5.40 -0.60 0.83
N TYR A 258 -5.27 0.02 1.99
CA TYR A 258 -5.04 -0.80 3.15
C TYR A 258 -6.34 -1.56 3.34
N LEU A 259 -7.50 -0.92 3.13
CA LEU A 259 -8.77 -1.59 3.37
C LEU A 259 -9.09 -2.65 2.33
N THR A 260 -8.43 -2.65 1.17
CA THR A 260 -8.82 -3.62 0.15
C THR A 260 -7.86 -4.82 0.11
N ASP A 261 -6.93 -4.83 1.05
CA ASP A 261 -6.02 -5.94 1.23
C ASP A 261 -6.58 -6.88 2.31
N GLY A 262 -7.58 -7.68 1.98
CA GLY A 262 -7.94 -8.78 2.83
C GLY A 262 -8.90 -9.70 2.10
N PRO A 263 -9.83 -10.29 2.84
CA PRO A 263 -10.93 -11.05 2.24
C PRO A 263 -12.05 -10.22 1.54
N ASN A 264 -12.86 -10.92 0.77
CA ASN A 264 -13.72 -10.29 -0.18
C ASN A 264 -14.80 -9.42 0.45
N GLU A 265 -15.12 -9.68 1.72
CA GLU A 265 -16.17 -8.87 2.34
C GLU A 265 -15.59 -7.51 2.62
N ARG A 266 -14.31 -7.51 2.94
CA ARG A 266 -13.64 -6.24 3.05
C ARG A 266 -13.54 -5.41 1.79
N ILE A 267 -13.17 -6.05 0.69
CA ILE A 267 -13.24 -5.41 -0.58
C ILE A 267 -14.67 -4.91 -0.90
N GLU A 268 -15.67 -5.78 -0.62
CA GLU A 268 -17.04 -5.41 -0.87
C GLU A 268 -17.43 -4.10 -0.20
N MET A 269 -17.00 -3.94 1.04
CA MET A 269 -17.35 -2.76 1.76
C MET A 269 -16.94 -1.56 1.00
N VAL A 270 -15.76 -1.63 0.36
CA VAL A 270 -15.21 -0.46 -0.37
C VAL A 270 -15.87 -0.30 -1.75
N VAL A 271 -15.91 -1.37 -2.49
CA VAL A 271 -16.59 -1.37 -3.77
C VAL A 271 -18.01 -0.80 -3.68
N LYS A 272 -18.82 -1.25 -2.70
CA LYS A 272 -20.22 -0.76 -2.53
C LYS A 272 -20.29 0.75 -2.29
N LYS A 273 -19.19 1.38 -1.94
CA LYS A 273 -19.25 2.85 -1.77
C LYS A 273 -19.09 3.55 -3.10
N GLY A 274 -18.82 2.75 -4.12
CA GLY A 274 -18.71 3.31 -5.47
C GLY A 274 -17.46 4.14 -5.75
N VAL A 275 -16.35 3.90 -5.03
CA VAL A 275 -15.08 4.62 -5.30
C VAL A 275 -14.30 4.15 -6.54
N VAL A 276 -14.68 3.02 -7.15
CA VAL A 276 -13.88 2.49 -8.24
C VAL A 276 -13.65 3.48 -9.40
N PRO A 277 -14.72 4.01 -9.94
CA PRO A 277 -14.50 5.06 -10.99
C PRO A 277 -13.43 6.08 -10.58
N GLN A 278 -13.47 6.54 -9.34
CA GLN A 278 -12.54 7.56 -8.90
C GLN A 278 -11.15 6.99 -8.75
N LEU A 279 -11.04 5.73 -8.33
CA LEU A 279 -9.71 5.13 -8.33
C LEU A 279 -9.12 5.10 -9.71
N VAL A 280 -9.97 4.80 -10.69
CA VAL A 280 -9.48 4.59 -12.01
C VAL A 280 -9.00 5.95 -12.54
N LYS A 281 -9.78 6.97 -12.32
CA LYS A 281 -9.35 8.31 -12.69
C LYS A 281 -7.98 8.62 -12.01
N LEU A 282 -7.84 8.34 -10.70
CA LEU A 282 -6.54 8.62 -10.05
C LEU A 282 -5.47 7.79 -10.67
N LEU A 283 -5.85 6.64 -11.19
CA LEU A 283 -4.85 5.76 -11.81
C LEU A 283 -4.28 6.50 -13.00
N GLY A 284 -5.12 7.41 -13.51
CA GLY A 284 -4.77 8.29 -14.59
C GLY A 284 -3.83 9.39 -14.18
N ALA A 285 -3.78 9.79 -12.93
CA ALA A 285 -2.93 10.87 -12.45
C ALA A 285 -1.46 10.97 -12.82
N THR A 286 -1.00 12.19 -13.06
CA THR A 286 0.37 12.41 -13.50
C THR A 286 1.39 12.25 -12.37
N GLU A 287 0.98 12.41 -11.10
CA GLU A 287 1.89 12.24 -9.93
C GLU A 287 2.01 10.76 -9.50
N LEU A 288 3.20 10.21 -9.62
CA LEU A 288 3.47 8.87 -9.17
C LEU A 288 3.09 8.52 -7.75
N PRO A 289 3.21 9.48 -6.83
CA PRO A 289 2.72 9.26 -5.45
C PRO A 289 1.22 9.10 -5.39
N ILE A 290 0.50 9.48 -6.43
CA ILE A 290 -0.90 9.11 -6.43
C ILE A 290 -1.13 7.81 -7.20
N VAL A 291 -0.47 7.67 -8.33
CA VAL A 291 -0.68 6.51 -9.15
C VAL A 291 -0.32 5.27 -8.34
N THR A 292 0.75 5.35 -7.56
CA THR A 292 1.20 4.14 -6.93
C THR A 292 0.12 3.60 -5.96
N PRO A 293 -0.38 4.43 -5.04
CA PRO A 293 -1.43 3.86 -4.20
C PRO A 293 -2.75 3.49 -4.90
N ALA A 294 -3.17 4.26 -5.91
CA ALA A 294 -4.34 3.93 -6.76
C ALA A 294 -4.16 2.59 -7.43
N LEU A 295 -2.96 2.33 -7.89
CA LEU A 295 -2.75 1.10 -8.59
C LEU A 295 -2.76 -0.05 -7.60
N ARG A 296 -2.20 0.16 -6.43
CA ARG A 296 -2.24 -0.86 -5.42
C ARG A 296 -3.75 -1.22 -5.02
N ALA A 297 -4.63 -0.21 -4.91
CA ALA A 297 -6.01 -0.48 -4.52
C ALA A 297 -6.79 -1.18 -5.63
N ILE A 298 -6.68 -0.70 -6.87
CA ILE A 298 -7.15 -1.50 -8.02
C ILE A 298 -6.64 -2.93 -7.97
N GLY A 299 -5.36 -3.12 -7.67
CA GLY A 299 -4.78 -4.45 -7.67
C GLY A 299 -5.41 -5.32 -6.59
N ASN A 300 -5.69 -4.72 -5.45
CA ASN A 300 -6.27 -5.50 -4.36
C ASN A 300 -7.65 -5.94 -4.78
N ILE A 301 -8.38 -5.00 -5.36
CA ILE A 301 -9.74 -5.22 -5.60
C ILE A 301 -9.90 -6.38 -6.59
N VAL A 302 -9.00 -6.53 -7.55
CA VAL A 302 -9.25 -7.61 -8.51
C VAL A 302 -8.74 -8.94 -8.01
N THR A 303 -8.09 -8.96 -6.86
CA THR A 303 -7.91 -10.27 -6.25
C THR A 303 -9.27 -10.84 -5.72
N GLY A 304 -10.35 -10.05 -5.68
CA GLY A 304 -11.63 -10.55 -5.15
C GLY A 304 -12.43 -11.41 -6.11
N THR A 305 -13.76 -11.27 -6.07
CA THR A 305 -14.63 -12.04 -6.93
C THR A 305 -14.57 -11.47 -8.38
N ASP A 306 -14.97 -12.30 -9.31
CA ASP A 306 -15.25 -11.86 -10.67
C ASP A 306 -16.16 -10.66 -10.74
N GLU A 307 -17.20 -10.63 -9.94
CA GLU A 307 -18.11 -9.49 -10.01
C GLU A 307 -17.43 -8.18 -9.55
N GLN A 308 -16.56 -8.30 -8.54
CA GLN A 308 -15.77 -7.17 -8.08
C GLN A 308 -14.74 -6.75 -9.13
N THR A 309 -14.07 -7.74 -9.75
CA THR A 309 -13.15 -7.45 -10.83
C THR A 309 -13.86 -6.65 -11.96
N GLN A 310 -15.11 -6.97 -12.21
CA GLN A 310 -15.83 -6.42 -13.34
C GLN A 310 -16.14 -4.96 -13.14
N LYS A 311 -16.35 -4.56 -11.90
CA LYS A 311 -16.54 -3.12 -11.63
C LYS A 311 -15.31 -2.33 -12.11
N VAL A 312 -14.13 -2.91 -11.95
CA VAL A 312 -12.98 -2.21 -12.44
C VAL A 312 -12.80 -2.18 -13.95
N ILE A 313 -13.02 -3.30 -14.61
CA ILE A 313 -13.22 -3.29 -16.02
C ILE A 313 -14.29 -2.32 -16.44
N ASP A 314 -15.49 -2.46 -15.86
CA ASP A 314 -16.54 -1.50 -16.20
C ASP A 314 -16.08 -0.11 -16.02
N ALA A 315 -15.18 0.14 -15.07
CA ALA A 315 -14.86 1.51 -14.74
C ALA A 315 -13.87 2.14 -15.74
N GLY A 316 -13.25 1.33 -16.61
CA GLY A 316 -12.37 1.95 -17.62
C GLY A 316 -10.90 1.59 -17.42
N ALA A 317 -10.60 0.60 -16.57
CA ALA A 317 -9.27 0.57 -16.01
C ALA A 317 -8.29 0.16 -17.07
N LEU A 318 -8.77 -0.71 -17.93
CA LEU A 318 -7.92 -1.41 -18.81
C LEU A 318 -7.39 -0.36 -19.81
N ALA A 319 -8.10 0.72 -20.04
CA ALA A 319 -7.51 1.74 -20.94
C ALA A 319 -6.21 2.42 -20.47
N VAL A 320 -5.85 2.27 -19.20
CA VAL A 320 -4.69 2.94 -18.68
C VAL A 320 -3.44 2.02 -18.69
N PHE A 321 -3.72 0.74 -18.83
CA PHE A 321 -2.68 -0.24 -18.90
C PHE A 321 -1.58 -0.12 -19.88
N PRO A 322 -1.86 0.27 -21.13
CA PRO A 322 -0.74 0.37 -22.08
C PRO A 322 0.28 1.18 -21.36
N SER A 323 -0.19 2.18 -20.67
CA SER A 323 0.78 3.07 -20.17
C SER A 323 1.45 2.57 -18.87
N LEU A 324 0.67 2.01 -17.94
CA LEU A 324 1.24 1.33 -16.77
C LEU A 324 2.18 0.20 -17.07
N LEU A 325 1.89 -0.58 -18.10
CA LEU A 325 2.76 -1.71 -18.32
C LEU A 325 4.04 -1.27 -19.00
N THR A 326 4.12 -0.03 -19.45
CA THR A 326 5.38 0.44 -20.01
C THR A 326 5.96 1.57 -19.15
N ASN A 327 5.55 1.65 -17.89
CA ASN A 327 5.90 2.79 -17.04
C ASN A 327 7.38 2.75 -16.72
N PRO A 328 8.02 3.89 -16.73
CA PRO A 328 9.44 3.83 -16.42
C PRO A 328 9.73 3.55 -14.91
N LYS A 329 8.79 3.75 -13.99
CA LYS A 329 8.98 3.18 -12.63
C LYS A 329 8.76 1.70 -12.55
N THR A 330 9.85 1.00 -12.30
CA THR A 330 9.88 -0.45 -12.25
C THR A 330 8.72 -1.04 -11.42
N ASN A 331 8.56 -0.51 -10.21
CA ASN A 331 7.48 -0.88 -9.30
C ASN A 331 6.05 -0.77 -9.86
N ILE A 332 5.74 0.29 -10.62
CA ILE A 332 4.42 0.44 -11.22
C ILE A 332 4.18 -0.67 -12.23
N GLN A 333 5.26 -1.00 -12.93
CA GLN A 333 5.19 -1.95 -14.03
C GLN A 333 4.96 -3.37 -13.44
N LYS A 334 5.64 -3.63 -12.35
CA LYS A 334 5.42 -4.85 -11.61
C LYS A 334 3.98 -5.03 -11.10
N GLU A 335 3.45 -3.96 -10.55
CA GLU A 335 2.18 -4.07 -9.93
C GLU A 335 1.10 -4.08 -10.95
N ALA A 336 1.27 -3.34 -12.05
CA ALA A 336 0.32 -3.42 -13.15
C ALA A 336 0.31 -4.85 -13.70
N THR A 337 1.47 -5.49 -13.75
CA THR A 337 1.48 -6.81 -14.27
C THR A 337 0.80 -7.80 -13.34
N TRP A 338 1.11 -7.67 -12.07
CA TRP A 338 0.42 -8.42 -11.07
C TRP A 338 -1.09 -8.26 -11.22
N THR A 339 -1.52 -7.03 -11.34
CA THR A 339 -2.96 -6.75 -11.54
C THR A 339 -3.49 -7.45 -12.79
N MET A 340 -2.77 -7.35 -13.91
CA MET A 340 -3.19 -8.04 -15.13
C MET A 340 -3.37 -9.54 -14.91
N SER A 341 -2.41 -10.16 -14.22
CA SER A 341 -2.53 -11.57 -13.85
C SER A 341 -3.75 -11.94 -13.02
N ASN A 342 -4.24 -11.09 -12.13
CA ASN A 342 -5.51 -11.43 -11.53
C ASN A 342 -6.68 -11.12 -12.41
N ILE A 343 -6.55 -10.18 -13.32
CA ILE A 343 -7.59 -10.13 -14.37
C ILE A 343 -7.53 -11.29 -15.35
N THR A 344 -6.37 -11.86 -15.63
CA THR A 344 -6.46 -12.98 -16.51
C THR A 344 -6.97 -14.27 -15.84
N ALA A 345 -7.18 -14.22 -14.52
CA ALA A 345 -7.62 -15.45 -13.87
C ALA A 345 -9.13 -15.46 -13.79
N GLY A 346 -9.77 -14.37 -14.22
CA GLY A 346 -11.22 -14.34 -14.36
C GLY A 346 -11.92 -15.08 -15.52
N ARG A 347 -13.14 -14.65 -15.81
CA ARG A 347 -13.95 -15.23 -16.87
C ARG A 347 -13.38 -15.05 -18.30
N GLN A 348 -13.74 -15.98 -19.17
CA GLN A 348 -13.57 -15.77 -20.59
C GLN A 348 -13.93 -14.40 -21.13
N ASP A 349 -15.10 -13.89 -20.80
CA ASP A 349 -15.43 -12.60 -21.29
C ASP A 349 -14.55 -11.46 -20.66
N GLN A 350 -13.90 -11.75 -19.52
CA GLN A 350 -12.95 -10.80 -18.96
C GLN A 350 -11.60 -10.91 -19.66
N ILE A 351 -11.10 -12.14 -19.80
CA ILE A 351 -9.99 -12.30 -20.69
C ILE A 351 -10.26 -11.61 -22.03
N GLN A 352 -11.53 -11.58 -22.48
CA GLN A 352 -11.85 -11.07 -23.80
C GLN A 352 -11.58 -9.58 -23.82
N GLN A 353 -11.85 -8.92 -22.69
CA GLN A 353 -11.65 -7.48 -22.62
C GLN A 353 -10.16 -7.18 -22.60
N VAL A 354 -9.39 -8.09 -22.01
CA VAL A 354 -7.99 -7.81 -22.03
C VAL A 354 -7.57 -7.89 -23.47
N VAL A 355 -8.17 -8.80 -24.22
CA VAL A 355 -7.87 -8.92 -25.63
C VAL A 355 -8.31 -7.68 -26.38
N ASN A 356 -9.52 -7.18 -26.14
CA ASN A 356 -10.01 -6.09 -26.99
C ASN A 356 -9.29 -4.82 -26.73
N HIS A 357 -8.86 -4.60 -25.50
CA HIS A 357 -8.05 -3.46 -25.19
C HIS A 357 -6.63 -3.51 -25.76
N GLY A 358 -6.21 -4.61 -26.38
CA GLY A 358 -4.92 -4.59 -27.04
C GLY A 358 -3.81 -4.82 -26.07
N LEU A 359 -4.12 -5.43 -24.92
CA LEU A 359 -3.13 -5.67 -23.85
C LEU A 359 -2.26 -6.89 -24.00
N VAL A 360 -2.57 -7.78 -24.95
CA VAL A 360 -1.75 -8.95 -25.02
C VAL A 360 -0.33 -8.60 -25.52
N PRO A 361 -0.25 -7.74 -26.53
CA PRO A 361 1.07 -7.29 -26.91
C PRO A 361 1.84 -6.67 -25.80
N PHE A 362 1.15 -5.98 -24.90
CA PHE A 362 1.87 -5.41 -23.78
C PHE A 362 2.34 -6.47 -22.85
N LEU A 363 1.57 -7.54 -22.63
CA LEU A 363 2.23 -8.71 -21.94
C LEU A 363 3.39 -9.37 -22.67
N VAL A 364 3.26 -9.49 -23.96
CA VAL A 364 4.39 -10.07 -24.68
C VAL A 364 5.59 -9.17 -24.47
N GLY A 365 5.39 -7.87 -24.66
CA GLY A 365 6.34 -6.86 -24.28
C GLY A 365 6.96 -7.10 -22.94
N VAL A 366 6.16 -7.16 -21.89
CA VAL A 366 6.71 -7.33 -20.55
C VAL A 366 7.43 -8.66 -20.38
N LEU A 367 6.88 -9.75 -20.89
CA LEU A 367 7.65 -11.00 -20.91
C LEU A 367 9.00 -10.85 -21.60
N SER A 368 9.08 -10.06 -22.66
CA SER A 368 10.34 -9.95 -23.40
C SER A 368 11.43 -9.12 -22.71
N LYS A 369 11.07 -8.05 -22.03
CA LYS A 369 12.10 -7.20 -21.45
C LYS A 369 11.46 -6.39 -20.36
N ALA A 370 11.76 -6.72 -19.12
CA ALA A 370 11.41 -5.88 -18.01
C ALA A 370 12.32 -6.46 -16.95
N ASP A 371 12.28 -5.92 -15.76
CA ASP A 371 13.01 -6.52 -14.73
C ASP A 371 12.40 -7.88 -14.29
N PHE A 372 13.26 -8.70 -13.73
CA PHE A 372 12.89 -10.07 -13.49
C PHE A 372 11.58 -10.28 -12.71
N LYS A 373 11.37 -9.50 -11.67
CA LYS A 373 10.20 -9.81 -10.85
C LYS A 373 8.93 -9.46 -11.60
N THR A 374 9.05 -8.48 -12.51
CA THR A 374 7.91 -8.12 -13.35
C THR A 374 7.70 -9.24 -14.38
N GLN A 375 8.79 -9.83 -14.89
CA GLN A 375 8.61 -10.95 -15.82
C GLN A 375 7.90 -12.13 -15.15
N LYS A 376 8.14 -12.30 -13.85
CA LYS A 376 7.52 -13.38 -13.11
C LYS A 376 6.01 -13.22 -13.08
N GLU A 377 5.60 -12.04 -12.70
CA GLU A 377 4.18 -11.70 -12.71
C GLU A 377 3.63 -11.85 -14.09
N ALA A 378 4.42 -11.59 -15.15
CA ALA A 378 3.89 -11.71 -16.50
C ALA A 378 3.62 -13.17 -16.82
N ALA A 379 4.58 -13.98 -16.46
CA ALA A 379 4.42 -15.41 -16.59
C ALA A 379 3.09 -15.85 -15.97
N TRP A 380 2.87 -15.47 -14.75
CA TRP A 380 1.57 -15.72 -14.14
C TRP A 380 0.40 -15.23 -14.95
N ALA A 381 0.46 -14.00 -15.46
CA ALA A 381 -0.64 -13.54 -16.30
C ALA A 381 -0.87 -14.51 -17.46
N ILE A 382 0.23 -15.07 -17.96
CA ILE A 382 0.14 -15.97 -19.09
C ILE A 382 -0.44 -17.33 -18.74
N THR A 383 0.20 -18.00 -17.76
CA THR A 383 -0.42 -19.19 -17.21
C THR A 383 -1.88 -18.99 -16.85
N ASN A 384 -2.25 -17.87 -16.21
CA ASN A 384 -3.64 -17.80 -15.87
C ASN A 384 -4.44 -17.75 -17.14
N TYR A 385 -4.00 -16.91 -18.10
CA TYR A 385 -4.79 -16.64 -19.34
C TYR A 385 -4.98 -18.05 -20.02
N THR A 386 -3.89 -18.84 -20.01
CA THR A 386 -3.93 -20.10 -20.68
C THR A 386 -4.77 -21.16 -20.03
N SER A 387 -5.06 -21.03 -18.73
CA SER A 387 -6.00 -21.96 -18.01
C SER A 387 -7.41 -21.62 -18.30
N GLY A 388 -7.77 -20.37 -18.23
CA GLY A 388 -9.17 -20.02 -18.28
C GLY A 388 -9.66 -19.65 -19.67
N GLY A 389 -8.71 -19.40 -20.61
CA GLY A 389 -9.00 -18.98 -22.01
C GLY A 389 -9.77 -20.00 -22.87
N THR A 390 -10.56 -19.54 -23.83
CA THR A 390 -11.00 -20.39 -24.89
C THR A 390 -9.85 -20.64 -25.84
N VAL A 391 -10.14 -21.50 -26.81
CA VAL A 391 -9.17 -21.86 -27.83
C VAL A 391 -8.78 -20.68 -28.74
N GLU A 392 -9.77 -19.97 -29.29
CA GLU A 392 -9.50 -18.78 -30.04
C GLU A 392 -8.49 -17.87 -29.35
N GLN A 393 -8.75 -17.64 -28.07
CA GLN A 393 -7.95 -16.75 -27.27
C GLN A 393 -6.56 -17.20 -27.12
N ILE A 394 -6.39 -18.49 -26.91
CA ILE A 394 -5.07 -19.02 -26.74
C ILE A 394 -4.30 -19.03 -28.05
N VAL A 395 -5.02 -19.26 -29.13
CA VAL A 395 -4.43 -19.15 -30.47
C VAL A 395 -3.84 -17.73 -30.66
N TYR A 396 -4.71 -16.74 -30.46
CA TYR A 396 -4.41 -15.32 -30.55
C TYR A 396 -3.14 -14.94 -29.74
N LEU A 397 -3.09 -15.47 -28.53
CA LEU A 397 -1.93 -15.20 -27.70
C LEU A 397 -0.66 -15.72 -28.40
N VAL A 398 -0.78 -16.86 -29.07
CA VAL A 398 0.34 -17.37 -29.79
C VAL A 398 0.69 -16.52 -31.00
N HIS A 399 -0.31 -16.14 -31.79
CA HIS A 399 -0.05 -15.20 -32.85
C HIS A 399 0.55 -13.88 -32.38
N CYS A 400 0.31 -13.44 -31.15
CA CYS A 400 0.98 -12.20 -30.75
C CYS A 400 2.47 -12.35 -30.46
N GLY A 401 2.96 -13.58 -30.42
CA GLY A 401 4.37 -13.82 -30.26
C GLY A 401 4.77 -14.24 -28.85
N ILE A 402 3.89 -14.94 -28.14
CA ILE A 402 4.18 -15.36 -26.77
C ILE A 402 5.28 -16.44 -26.57
N ILE A 403 5.46 -17.31 -27.57
CA ILE A 403 6.34 -18.47 -27.42
C ILE A 403 7.82 -18.12 -27.27
N GLU A 404 8.36 -17.31 -28.17
CA GLU A 404 9.76 -17.03 -28.03
C GLU A 404 10.17 -16.36 -26.68
N PRO A 405 9.49 -15.28 -26.27
CA PRO A 405 9.96 -14.78 -24.98
C PRO A 405 9.61 -15.72 -23.81
N LEU A 406 8.62 -16.58 -23.94
CA LEU A 406 8.30 -17.56 -22.87
C LEU A 406 9.40 -18.57 -22.70
N MET A 407 9.91 -19.09 -23.81
CA MET A 407 11.06 -19.98 -23.80
C MET A 407 12.28 -19.27 -23.24
N ASN A 408 12.47 -18.00 -23.57
CA ASN A 408 13.71 -17.39 -23.14
C ASN A 408 13.86 -17.44 -21.66
N LEU A 409 12.70 -17.46 -21.00
CA LEU A 409 12.67 -17.34 -19.55
C LEU A 409 12.91 -18.72 -18.98
N LEU A 410 12.76 -19.72 -19.81
CA LEU A 410 12.99 -21.03 -19.34
C LEU A 410 14.37 -21.20 -18.74
N SER A 411 15.30 -20.31 -19.07
CA SER A 411 16.63 -20.45 -18.48
C SER A 411 16.89 -19.45 -17.39
N ALA A 412 15.92 -19.26 -16.51
CA ALA A 412 16.18 -18.49 -15.29
C ALA A 412 16.48 -19.41 -14.12
N LYS A 413 17.32 -18.93 -13.21
CA LYS A 413 17.64 -19.68 -11.99
C LYS A 413 16.47 -19.72 -10.97
N ASP A 414 15.33 -19.12 -11.31
CA ASP A 414 14.21 -19.19 -10.38
C ASP A 414 13.35 -20.42 -10.55
N THR A 415 13.49 -21.34 -9.62
CA THR A 415 12.74 -22.57 -9.79
C THR A 415 11.20 -22.45 -9.98
N LYS A 416 10.55 -21.52 -9.30
CA LYS A 416 9.08 -21.32 -9.47
C LYS A 416 8.56 -20.71 -10.84
N ILE A 417 9.32 -19.77 -11.38
CA ILE A 417 8.92 -19.27 -12.69
C ILE A 417 8.87 -20.41 -13.70
N ILE A 418 9.76 -21.39 -13.54
CA ILE A 418 9.88 -22.42 -14.53
C ILE A 418 8.64 -23.29 -14.49
N GLN A 419 8.14 -23.55 -13.29
CA GLN A 419 6.93 -24.35 -13.20
C GLN A 419 5.79 -23.72 -13.92
N VAL A 420 5.64 -22.42 -13.70
CA VAL A 420 4.55 -21.62 -14.28
C VAL A 420 4.63 -21.61 -15.81
N ILE A 421 5.84 -21.40 -16.31
CA ILE A 421 6.02 -21.40 -17.75
C ILE A 421 5.69 -22.79 -18.29
N LEU A 422 6.09 -23.80 -17.55
CA LEU A 422 5.87 -25.16 -17.95
C LEU A 422 4.43 -25.53 -18.24
N ASP A 423 3.48 -25.06 -17.44
CA ASP A 423 2.11 -25.36 -17.84
C ASP A 423 1.49 -24.26 -18.52
N ALA A 424 2.22 -23.18 -18.70
CA ALA A 424 1.76 -22.26 -19.70
C ALA A 424 1.84 -23.05 -21.01
N ILE A 425 3.03 -23.59 -21.27
CA ILE A 425 3.24 -24.37 -22.51
C ILE A 425 2.23 -25.49 -22.60
N SER A 426 2.24 -26.31 -21.55
CA SER A 426 1.27 -27.36 -21.44
C SER A 426 -0.13 -26.95 -21.77
N ASN A 427 -0.64 -25.89 -21.18
CA ASN A 427 -2.02 -25.50 -21.55
C ASN A 427 -2.15 -25.19 -22.99
N ILE A 428 -1.08 -24.69 -23.59
CA ILE A 428 -1.17 -24.23 -24.96
C ILE A 428 -1.14 -25.45 -25.88
N PHE A 429 -0.21 -26.35 -25.60
CA PHE A 429 -0.22 -27.65 -26.27
C PHE A 429 -1.58 -28.27 -26.18
N GLN A 430 -2.10 -28.29 -24.97
CA GLN A 430 -3.46 -28.69 -24.83
C GLN A 430 -4.38 -28.11 -25.90
N ALA A 431 -4.37 -26.80 -26.09
CA ALA A 431 -5.33 -26.22 -27.04
C ALA A 431 -4.90 -26.54 -28.48
N ALA A 432 -3.67 -26.94 -28.68
CA ALA A 432 -3.31 -27.20 -30.04
C ALA A 432 -3.77 -28.61 -30.44
N GLU A 433 -3.81 -29.51 -29.47
CA GLU A 433 -4.53 -30.78 -29.60
C GLU A 433 -5.97 -30.57 -30.08
N LYS A 434 -6.75 -29.71 -29.42
CA LYS A 434 -8.15 -29.55 -29.84
C LYS A 434 -8.30 -29.03 -31.26
N LEU A 435 -7.22 -28.62 -31.90
CA LEU A 435 -7.26 -28.33 -33.35
C LEU A 435 -6.21 -29.12 -34.18
N GLY A 436 -5.70 -30.21 -33.60
CA GLY A 436 -4.59 -30.95 -34.20
C GLY A 436 -3.27 -30.31 -34.60
N GLU A 437 -2.85 -29.29 -33.84
CA GLU A 437 -1.79 -28.43 -34.33
C GLU A 437 -0.48 -28.60 -33.65
N THR A 438 -0.43 -29.61 -32.82
CA THR A 438 0.74 -29.87 -32.07
C THR A 438 2.01 -29.87 -32.89
N GLU A 439 1.98 -30.45 -34.09
CA GLU A 439 3.14 -30.31 -35.00
C GLU A 439 3.56 -28.83 -35.10
N LYS A 440 2.71 -28.00 -35.72
CA LYS A 440 3.02 -26.58 -36.02
C LYS A 440 3.61 -25.94 -34.75
N LEU A 441 2.90 -26.12 -33.64
CA LEU A 441 3.40 -25.72 -32.34
C LEU A 441 4.75 -26.30 -31.92
N SER A 442 4.97 -27.60 -32.09
CA SER A 442 6.22 -28.16 -31.58
C SER A 442 7.36 -27.57 -32.35
N ILE A 443 7.11 -27.30 -33.62
CA ILE A 443 8.15 -26.74 -34.49
C ILE A 443 8.65 -25.40 -33.98
N MET A 444 7.72 -24.45 -33.79
CA MET A 444 8.10 -23.14 -33.26
C MET A 444 8.82 -23.28 -31.96
N ILE A 445 8.31 -24.13 -31.08
CA ILE A 445 9.07 -24.29 -29.86
C ILE A 445 10.47 -24.76 -30.19
N GLU A 446 10.58 -25.67 -31.18
CA GLU A 446 11.89 -26.22 -31.63
C GLU A 446 12.74 -25.09 -32.21
N GLU A 447 12.10 -24.36 -33.11
CA GLU A 447 12.70 -23.34 -33.97
C GLU A 447 13.48 -22.26 -33.24
N CYS A 448 13.13 -21.97 -32.01
CA CYS A 448 13.67 -20.79 -31.36
C CYS A 448 14.43 -21.14 -30.10
N GLY A 449 14.96 -22.37 -29.97
CA GLY A 449 15.64 -22.83 -28.74
C GLY A 449 14.75 -23.43 -27.63
N GLY A 450 13.47 -23.63 -27.96
CA GLY A 450 12.53 -24.10 -26.94
C GLY A 450 12.93 -25.47 -26.49
N LEU A 451 13.09 -26.35 -27.49
CA LEU A 451 13.26 -27.76 -27.25
C LEU A 451 14.50 -28.10 -26.45
N ASP A 452 15.60 -27.41 -26.74
CA ASP A 452 16.85 -27.63 -26.02
C ASP A 452 16.68 -27.44 -24.52
N LYS A 453 16.36 -26.21 -24.12
CA LYS A 453 16.15 -25.88 -22.71
C LYS A 453 15.16 -26.84 -22.07
N ILE A 454 14.09 -27.16 -22.79
CA ILE A 454 13.07 -28.07 -22.29
C ILE A 454 13.65 -29.44 -21.98
N GLU A 455 14.23 -30.07 -22.98
CA GLU A 455 14.83 -31.39 -22.81
C GLU A 455 15.77 -31.42 -21.61
N ALA A 456 16.64 -30.40 -21.54
CA ALA A 456 17.60 -30.31 -20.44
C ALA A 456 16.87 -30.25 -19.09
N LEU A 457 15.67 -29.69 -19.09
CA LEU A 457 14.87 -29.58 -17.88
C LEU A 457 14.81 -30.91 -17.13
N GLN A 458 14.55 -31.98 -17.87
CA GLN A 458 14.47 -33.32 -17.29
C GLN A 458 15.62 -33.52 -16.28
N ARG A 459 16.83 -33.20 -16.69
CA ARG A 459 17.96 -33.22 -15.80
C ARG A 459 17.95 -32.08 -14.79
N HIS A 460 16.86 -31.98 -14.02
CA HIS A 460 16.72 -30.94 -13.01
C HIS A 460 16.12 -31.52 -11.73
N GLU A 461 16.57 -31.01 -10.59
CA GLU A 461 16.10 -31.49 -9.30
C GLU A 461 14.78 -30.84 -8.91
N ASN A 462 13.68 -31.58 -9.09
CA ASN A 462 12.38 -31.09 -8.73
C ASN A 462 11.49 -32.31 -8.92
N GLU A 463 10.50 -32.37 -8.04
CA GLU A 463 9.25 -33.06 -8.27
C GLU A 463 8.47 -32.54 -9.50
N SER A 464 8.04 -31.27 -9.54
CA SER A 464 7.16 -30.90 -10.67
C SER A 464 7.94 -30.59 -11.94
N VAL A 465 9.15 -30.05 -11.78
CA VAL A 465 9.91 -29.59 -12.92
C VAL A 465 10.19 -30.73 -13.83
N TYR A 466 10.98 -31.71 -13.38
CA TYR A 466 11.41 -32.79 -14.28
C TYR A 466 10.26 -33.65 -14.73
N LYS A 467 9.24 -33.76 -13.89
CA LYS A 467 8.05 -34.50 -14.25
C LYS A 467 7.41 -33.87 -15.50
N ALA A 468 7.11 -32.59 -15.39
CA ALA A 468 6.40 -31.86 -16.42
C ALA A 468 7.24 -31.71 -17.70
N SER A 469 8.55 -31.49 -17.54
CA SER A 469 9.39 -31.36 -18.72
C SER A 469 9.45 -32.72 -19.47
N LEU A 470 9.88 -33.76 -18.75
CA LEU A 470 9.86 -35.13 -19.29
C LEU A 470 8.50 -35.46 -19.90
N ASN A 471 7.43 -35.30 -19.11
CA ASN A 471 6.12 -35.41 -19.71
C ASN A 471 6.04 -34.73 -21.08
N LEU A 472 6.41 -33.44 -21.18
CA LEU A 472 6.09 -32.70 -22.41
C LEU A 472 6.86 -33.34 -23.51
N ILE A 473 8.18 -33.49 -23.32
CA ILE A 473 9.01 -34.16 -24.31
C ILE A 473 8.49 -35.55 -24.74
N GLU A 474 8.34 -36.47 -23.78
CA GLU A 474 7.65 -37.71 -24.11
C GLU A 474 6.33 -37.52 -24.87
N LYS A 475 5.52 -36.53 -24.53
CA LYS A 475 4.22 -36.39 -25.21
C LYS A 475 4.21 -35.70 -26.60
N TYR A 476 5.16 -34.80 -26.85
CA TYR A 476 5.09 -33.94 -28.02
C TYR A 476 6.38 -33.85 -28.78
N PHE A 477 7.47 -34.28 -28.16
CA PHE A 477 8.80 -34.16 -28.77
C PHE A 477 9.65 -35.45 -28.97
N SER A 478 9.27 -36.56 -28.31
CA SER A 478 9.35 -37.90 -28.94
C SER A 478 8.35 -37.95 -30.14
N ASN B 11 6.81 8.07 -6.37
CA ASN B 11 5.82 8.00 -5.29
C ASN B 11 6.01 6.76 -4.44
N GLU B 12 5.65 6.73 -3.23
CA GLU B 12 6.01 5.58 -2.38
C GLU B 12 5.30 5.56 -1.05
N GLY B 13 5.53 4.51 -0.26
CA GLY B 13 4.77 4.26 0.96
C GLY B 13 4.49 5.49 1.79
N SER B 14 3.50 5.42 2.69
CA SER B 14 3.25 6.54 3.54
C SER B 14 4.09 6.32 4.81
N GLY B 15 4.67 7.37 5.45
CA GLY B 15 5.49 7.07 6.68
C GLY B 15 4.52 6.31 7.60
N SER B 16 4.91 5.22 8.25
CA SER B 16 4.27 4.85 9.55
C SER B 16 4.28 5.97 10.66
N LYS B 17 5.37 6.68 10.86
CA LYS B 17 5.44 7.62 11.99
C LYS B 17 6.19 8.79 11.41
N ARG B 18 5.97 10.00 11.91
CA ARG B 18 6.81 11.17 11.53
C ARG B 18 7.07 12.07 12.70
N PRO B 19 8.25 12.66 12.76
CA PRO B 19 8.54 13.72 13.71
C PRO B 19 8.30 15.06 13.10
N LYS B 20 7.66 15.96 13.81
CA LYS B 20 7.66 17.38 13.39
C LYS B 20 9.10 17.88 13.61
N VAL B 21 9.73 18.32 12.54
CA VAL B 21 11.19 18.56 12.47
C VAL B 21 11.43 20.06 12.65
N GLU B 22 12.72 20.42 12.90
CA GLU B 22 13.19 21.81 13.24
C GLU B 22 12.46 22.88 12.39
#